data_4Y7A
#
_entry.id   4Y7A
#
_cell.length_a   57.160
_cell.length_b   73.477
_cell.length_c   80.377
_cell.angle_alpha   90.000
_cell.angle_beta   90.000
_cell.angle_gamma   90.000
#
_symmetry.space_group_name_H-M   'P 21 21 21'
#
loop_
_entity.id
_entity.type
_entity.pdbx_description
1 polymer 'Coagulation factor X'
2 polymer 'Coagulation factor X'
3 non-polymer 'CALCIUM ION'
4 non-polymer 'MAGNESIUM ION'
5 non-polymer 'N-[(3S)-1-{(2S)-1-[(3S)-3-aminopiperidin-1-yl]-1-oxopropan-2-yl}-2-oxopyrrolidin-3-yl]-6-chloronaphthalene-2-sulfonamid e'
6 water water
#
loop_
_entity_poly.entity_id
_entity_poly.type
_entity_poly.pdbx_seq_one_letter_code
_entity_poly.pdbx_strand_id
1 'polypeptide(L)'
;IVGGQECKDGECPWQALLINEENEGFCGGTILSEFYILTAAHCLYQAKRFKVRVGDRNTEQEEGGEAVHEVEVVIKHNRF
TKETYDFDIAVLRLKTPITFRMNVAPACLPERDWAESTLMTQKTGIVSGFGRTHEKGRQSTRLKMLEVPYVDRNSCKLSS
SFIITQNMFCAGYDTKQEDACQGDSGGPHVTRFKDTYFVTGIVSWGEGCARKGKYGIYTKVTAFLKWIDRSMKTRGLPKA
KSHAPEVITSSPLK
;
A
2 'polypeptide(L)'
;EEMKKGHLERECMEETCSYEEAREVFEDSDKTNEFWNKYKDGDQCETSPCQNQGKCKDGLGEYTCTCLEGFEGKNCELFT
RKLCSLDNGDCDQFCHEEQNSVVCSCARGYTLADNGKACIPTGPYPCGKQTLER
;
B
#
# COMPACT_ATOMS: atom_id res chain seq x y z
N ILE A 1 -9.35 -6.94 -8.44
CA ILE A 1 -8.39 -8.06 -8.22
C ILE A 1 -8.90 -9.30 -8.97
N VAL A 2 -8.01 -9.91 -9.75
CA VAL A 2 -8.27 -11.15 -10.50
C VAL A 2 -7.68 -12.28 -9.67
N GLY A 3 -8.48 -13.30 -9.37
CA GLY A 3 -8.02 -14.39 -8.52
C GLY A 3 -8.02 -13.92 -7.06
N GLY A 4 -7.11 -14.47 -6.26
CA GLY A 4 -7.01 -14.13 -4.83
C GLY A 4 -8.24 -14.52 -4.03
N GLN A 5 -8.51 -13.78 -2.95
CA GLN A 5 -9.65 -14.07 -2.08
C GLN A 5 -10.26 -12.83 -1.41
N GLU A 6 -11.42 -13.00 -0.78
CA GLU A 6 -12.06 -11.91 -0.05
C GLU A 6 -11.24 -11.49 1.16
N CYS A 7 -11.20 -10.18 1.43
CA CYS A 7 -10.64 -9.71 2.71
C CYS A 7 -11.69 -10.06 3.76
N LYS A 8 -11.32 -10.90 4.72
CA LYS A 8 -12.23 -11.27 5.81
C LYS A 8 -12.22 -10.17 6.88
N ASP A 9 -13.12 -10.28 7.86
CA ASP A 9 -13.32 -9.24 8.85
C ASP A 9 -12.01 -8.81 9.52
N GLY A 10 -11.68 -7.52 9.41
CA GLY A 10 -10.45 -6.96 9.99
C GLY A 10 -9.12 -7.19 9.28
N GLU A 11 -9.13 -7.95 8.17
CA GLU A 11 -7.89 -8.30 7.44
C GLU A 11 -7.22 -7.23 6.56
N CYS A 12 -7.99 -6.24 6.08
CA CYS A 12 -7.45 -5.22 5.20
C CYS A 12 -7.88 -3.81 5.67
N PRO A 13 -7.58 -3.46 6.94
CA PRO A 13 -8.08 -2.22 7.55
C PRO A 13 -7.52 -0.90 7.01
N TRP A 14 -6.38 -0.97 6.30
CA TRP A 14 -5.75 0.21 5.69
C TRP A 14 -6.30 0.58 4.32
N GLN A 15 -7.20 -0.24 3.77
CA GLN A 15 -7.80 0.05 2.44
C GLN A 15 -8.70 1.29 2.47
N ALA A 16 -8.53 2.18 1.49
CA ALA A 16 -9.45 3.32 1.33
C ALA A 16 -10.02 3.24 -0.08
N LEU A 17 -11.17 3.87 -0.29
CA LEU A 17 -11.87 3.87 -1.58
C LEU A 17 -12.25 5.29 -1.98
N LEU A 18 -11.80 5.70 -3.16
CA LEU A 18 -12.16 7.02 -3.66
C LEU A 18 -13.47 6.84 -4.40
N ILE A 19 -14.47 7.64 -4.04
CA ILE A 19 -15.82 7.56 -4.60
C ILE A 19 -16.20 8.87 -5.32
N ASN A 20 -16.83 8.74 -6.49
CA ASN A 20 -17.27 9.90 -7.28
C ASN A 20 -18.59 10.48 -6.81
N GLU A 21 -19.12 11.43 -7.58
CA GLU A 21 -20.39 12.11 -7.28
C GLU A 21 -21.60 11.17 -7.16
N GLU A 22 -21.53 10.02 -7.82
CA GLU A 22 -22.59 9.00 -7.76
C GLU A 22 -22.35 7.99 -6.64
N ASN A 23 -21.38 8.24 -5.78
CA ASN A 23 -21.00 7.33 -4.69
C ASN A 23 -20.51 5.95 -5.16
N GLU A 24 -19.82 5.94 -6.29
CA GLU A 24 -19.25 4.71 -6.85
C GLU A 24 -17.72 4.78 -6.85
N GLY A 25 -17.08 3.69 -6.42
CA GLY A 25 -15.61 3.64 -6.35
C GLY A 25 -14.93 3.60 -7.71
N PHE A 26 -13.88 4.41 -7.89
CA PHE A 26 -13.13 4.42 -9.15
C PHE A 26 -11.63 4.14 -8.95
N CYS A 27 -11.16 4.23 -7.69
CA CYS A 27 -9.75 3.99 -7.34
C CYS A 27 -9.62 3.65 -5.84
N GLY A 28 -8.45 3.14 -5.45
CA GLY A 28 -8.16 2.84 -4.05
C GLY A 28 -7.17 3.82 -3.44
N GLY A 29 -6.86 3.59 -2.16
CA GLY A 29 -5.90 4.38 -1.41
C GLY A 29 -5.43 3.60 -0.19
N THR A 30 -4.38 4.07 0.47
CA THR A 30 -3.91 3.45 1.71
C THR A 30 -3.98 4.49 2.84
N ILE A 31 -4.56 4.08 3.97
CA ILE A 31 -4.60 4.93 5.17
C ILE A 31 -3.20 5.00 5.77
N LEU A 32 -2.64 6.20 5.88
CA LEU A 32 -1.32 6.40 6.49
C LEU A 32 -1.42 6.96 7.92
N SER A 33 -2.49 7.67 8.22
CA SER A 33 -2.72 8.29 9.57
C SER A 33 -4.16 8.81 9.66
N GLU A 34 -4.53 9.43 10.79
CA GLU A 34 -5.90 9.89 10.95
C GLU A 34 -6.28 10.97 9.90
N PHE A 35 -5.28 11.74 9.43
CA PHE A 35 -5.52 12.80 8.41
C PHE A 35 -5.02 12.55 6.98
N TYR A 36 -4.26 11.48 6.74
CA TYR A 36 -3.65 11.29 5.40
C TYR A 36 -3.90 9.98 4.67
N ILE A 37 -4.19 10.09 3.37
CA ILE A 37 -4.39 8.94 2.46
C ILE A 37 -3.30 8.93 1.37
N LEU A 38 -2.76 7.75 1.07
CA LEU A 38 -1.80 7.57 -0.04
C LEU A 38 -2.55 7.05 -1.26
N THR A 39 -2.33 7.65 -2.43
CA THR A 39 -2.97 7.19 -3.68
C THR A 39 -2.08 7.40 -4.93
N ALA A 40 -2.62 7.13 -6.12
CA ALA A 40 -1.87 7.30 -7.37
C ALA A 40 -2.22 8.64 -8.00
N ALA A 41 -1.22 9.31 -8.56
CA ALA A 41 -1.46 10.60 -9.23
C ALA A 41 -2.48 10.47 -10.39
N HIS A 42 -2.39 9.41 -11.18
CA HIS A 42 -3.30 9.24 -12.32
C HIS A 42 -4.76 9.05 -11.97
N CYS A 43 -5.05 8.75 -10.69
CA CYS A 43 -6.43 8.60 -10.24
C CYS A 43 -7.18 9.95 -10.15
N LEU A 44 -6.41 11.04 -10.06
CA LEU A 44 -6.96 12.38 -9.89
C LEU A 44 -7.66 12.95 -11.14
N TYR A 45 -7.38 12.38 -12.30
CA TYR A 45 -7.99 12.81 -13.55
C TYR A 45 -9.19 11.92 -13.94
N GLN A 46 -9.56 11.00 -13.06
CA GLN A 46 -10.67 10.06 -13.32
C GLN A 46 -12.01 10.50 -12.73
N ALA A 47 -12.05 11.72 -12.19
CA ALA A 47 -13.25 12.31 -11.60
C ALA A 47 -12.97 13.77 -11.22
N LYS A 48 -14.01 14.61 -11.22
CA LYS A 48 -13.85 16.01 -10.84
C LYS A 48 -13.88 16.19 -9.32
N ARG A 49 -15.05 15.95 -8.73
CA ARG A 49 -15.21 16.05 -7.29
C ARG A 49 -15.27 14.61 -6.74
N PHE A 50 -14.47 14.33 -5.71
CA PHE A 50 -14.45 12.98 -5.11
C PHE A 50 -14.27 13.07 -3.60
N LYS A 51 -14.70 12.00 -2.92
CA LYS A 51 -14.57 11.85 -1.47
C LYS A 51 -13.86 10.52 -1.17
N VAL A 52 -13.60 10.24 0.11
CA VAL A 52 -12.91 9.01 0.52
C VAL A 52 -13.74 8.19 1.51
N ARG A 53 -13.97 6.92 1.18
CA ARG A 53 -14.69 5.99 2.07
C ARG A 53 -13.72 4.98 2.72
N VAL A 54 -13.84 4.83 4.03
CA VAL A 54 -13.05 3.86 4.81
C VAL A 54 -14.00 2.91 5.56
N GLY A 55 -13.48 1.72 5.90
CA GLY A 55 -14.21 0.71 6.66
C GLY A 55 -15.21 -0.17 5.91
N ASP A 56 -15.23 -0.06 4.59
CA ASP A 56 -16.19 -0.80 3.76
C ASP A 56 -15.56 -2.10 3.25
N ARG A 57 -16.35 -3.18 3.22
CA ARG A 57 -15.91 -4.46 2.62
C ARG A 57 -16.92 -4.99 1.59
N ASN A 58 -18.16 -4.51 1.64
CA ASN A 58 -19.24 -4.93 0.74
C ASN A 58 -20.05 -3.69 0.35
N THR A 59 -19.86 -3.22 -0.88
CA THR A 59 -20.52 -1.98 -1.35
C THR A 59 -22.03 -2.10 -1.65
N GLU A 60 -22.58 -3.30 -1.59
CA GLU A 60 -24.01 -3.51 -1.83
C GLU A 60 -24.89 -3.01 -0.70
N GLN A 61 -24.37 -3.04 0.52
CA GLN A 61 -25.15 -2.64 1.68
C GLN A 61 -24.32 -1.88 2.72
N GLU A 62 -24.99 -1.00 3.46
CA GLU A 62 -24.30 -0.27 4.51
C GLU A 62 -24.58 -0.96 5.83
N GLU A 63 -23.56 -1.64 6.36
CA GLU A 63 -23.69 -2.39 7.61
C GLU A 63 -23.44 -1.57 8.89
N GLY A 64 -22.73 -0.45 8.78
CA GLY A 64 -22.52 0.43 9.94
C GLY A 64 -21.11 0.82 10.31
N GLY A 65 -20.11 0.21 9.71
CA GLY A 65 -18.72 0.51 10.03
C GLY A 65 -18.07 1.48 9.05
N GLU A 66 -18.80 1.81 7.98
CA GLU A 66 -18.33 2.70 6.93
C GLU A 66 -18.34 4.18 7.36
N ALA A 67 -17.40 4.96 6.85
CA ALA A 67 -17.38 6.42 7.11
C ALA A 67 -16.82 7.14 5.90
N VAL A 68 -17.43 8.29 5.55
CA VAL A 68 -17.00 9.09 4.39
C VAL A 68 -16.30 10.37 4.86
N HIS A 69 -15.20 10.72 4.21
CA HIS A 69 -14.42 11.91 4.53
C HIS A 69 -14.18 12.75 3.32
N GLU A 70 -14.33 14.07 3.50
CA GLU A 70 -14.03 15.01 2.42
C GLU A 70 -12.55 15.35 2.41
N VAL A 71 -12.05 15.67 1.23
CA VAL A 71 -10.64 16.00 1.00
C VAL A 71 -10.44 17.50 1.13
N GLU A 72 -9.51 17.87 2.00
CA GLU A 72 -9.18 19.28 2.19
C GLU A 72 -8.14 19.73 1.17
N VAL A 73 -7.03 18.98 1.05
CA VAL A 73 -5.92 19.34 0.15
CA VAL A 73 -6.00 19.34 0.06
C VAL A 73 -5.47 18.12 -0.68
N VAL A 74 -5.31 18.30 -1.99
CA VAL A 74 -4.80 17.27 -2.88
C VAL A 74 -3.34 17.62 -3.18
N ILE A 75 -2.42 16.72 -2.82
CA ILE A 75 -0.98 16.92 -3.02
C ILE A 75 -0.46 15.91 -4.05
N LYS A 76 -0.37 16.37 -5.28
CA LYS A 76 0.06 15.58 -6.42
C LYS A 76 1.54 15.82 -6.71
N HIS A 77 2.30 14.77 -7.01
CA HIS A 77 3.73 14.93 -7.31
C HIS A 77 3.87 15.72 -8.59
N ASN A 78 4.59 16.83 -8.53
CA ASN A 78 4.73 17.74 -9.69
C ASN A 78 5.46 17.16 -10.90
N ARG A 79 5.99 15.94 -10.77
CA ARG A 79 6.70 15.27 -11.86
C ARG A 79 5.91 14.14 -12.53
N PHE A 80 4.67 13.90 -12.08
CA PHE A 80 3.85 12.88 -12.73
C PHE A 80 3.65 13.19 -14.23
N THR A 81 3.71 12.15 -15.07
CA THR A 81 3.54 12.30 -16.52
C THR A 81 2.62 11.22 -17.08
N LYS A 82 1.59 11.63 -17.81
CA LYS A 82 0.65 10.69 -18.43
C LYS A 82 1.31 9.81 -19.50
N GLU A 83 2.45 10.28 -20.03
CA GLU A 83 3.13 9.57 -21.11
C GLU A 83 3.87 8.30 -20.69
N THR A 84 4.51 8.34 -19.53
CA THR A 84 5.23 7.18 -19.01
C THR A 84 4.65 6.64 -17.69
N TYR A 85 3.81 7.45 -17.03
CA TYR A 85 3.26 7.13 -15.70
C TYR A 85 4.34 7.10 -14.61
N ASP A 86 5.45 7.82 -14.83
CA ASP A 86 6.53 7.93 -13.86
C ASP A 86 6.04 8.90 -12.77
N PHE A 87 6.50 8.74 -11.53
CA PHE A 87 6.04 9.57 -10.39
C PHE A 87 4.52 9.46 -10.13
N ASP A 88 3.99 8.24 -10.24
CA ASP A 88 2.54 8.00 -10.07
C ASP A 88 2.19 7.93 -8.57
N ILE A 89 2.18 9.10 -7.93
CA ILE A 89 1.95 9.21 -6.48
C ILE A 89 1.27 10.51 -6.07
N ALA A 90 0.34 10.42 -5.11
CA ALA A 90 -0.32 11.59 -4.51
C ALA A 90 -0.65 11.35 -3.04
N VAL A 91 -0.70 12.44 -2.26
CA VAL A 91 -1.14 12.39 -0.85
C VAL A 91 -2.36 13.30 -0.64
N LEU A 92 -3.36 12.80 0.08
CA LEU A 92 -4.60 13.56 0.34
C LEU A 92 -4.72 13.92 1.81
N ARG A 93 -4.98 15.19 2.12
CA ARG A 93 -5.26 15.55 3.52
C ARG A 93 -6.76 15.66 3.67
N LEU A 94 -7.31 15.03 4.71
CA LEU A 94 -8.75 15.03 4.93
C LEU A 94 -9.20 16.22 5.80
N LYS A 95 -10.46 16.61 5.66
CA LYS A 95 -11.03 17.73 6.47
C LYS A 95 -11.23 17.31 7.93
N THR A 96 -11.72 16.08 8.14
CA THR A 96 -11.96 15.55 9.49
C THR A 96 -11.09 14.29 9.71
N PRO A 97 -10.64 14.04 10.96
CA PRO A 97 -9.78 12.87 11.22
C PRO A 97 -10.54 11.53 11.20
N ILE A 98 -9.90 10.49 10.65
CA ILE A 98 -10.45 9.14 10.62
C ILE A 98 -10.54 8.54 12.02
N THR A 99 -11.65 7.84 12.32
CA THR A 99 -11.82 7.15 13.58
C THR A 99 -11.39 5.70 13.37
N PHE A 100 -10.28 5.31 13.98
CA PHE A 100 -9.79 3.94 13.86
C PHE A 100 -10.74 3.00 14.62
N ARG A 101 -11.02 1.84 14.03
CA ARG A 101 -12.00 0.90 14.57
C ARG A 101 -11.81 -0.42 13.80
N MET A 102 -12.71 -1.36 14.02
CA MET A 102 -12.66 -2.63 13.31
C MET A 102 -12.69 -2.30 11.81
N ASN A 103 -11.76 -2.85 11.04
CA ASN A 103 -11.65 -2.59 9.59
C ASN A 103 -11.15 -1.18 9.22
N VAL A 104 -10.71 -0.40 10.21
CA VAL A 104 -10.17 0.98 9.93
C VAL A 104 -8.90 1.21 10.77
N ALA A 105 -7.74 1.13 10.12
CA ALA A 105 -6.45 1.30 10.79
C ALA A 105 -5.34 1.60 9.76
N PRO A 106 -4.30 2.37 10.15
CA PRO A 106 -3.28 2.72 9.18
C PRO A 106 -2.25 1.61 8.91
N ALA A 107 -1.61 1.67 7.74
CA ALA A 107 -0.50 0.75 7.45
C ALA A 107 0.77 1.50 7.88
N CYS A 108 1.83 0.76 8.25
CA CYS A 108 3.08 1.38 8.71
C CYS A 108 3.99 1.84 7.57
N LEU A 109 4.58 3.02 7.73
CA LEU A 109 5.58 3.51 6.79
C LEU A 109 6.94 2.95 7.24
N PRO A 110 7.68 2.26 6.35
CA PRO A 110 9.00 1.79 6.79
C PRO A 110 10.10 2.84 6.53
N GLU A 111 11.30 2.60 7.07
CA GLU A 111 12.49 3.38 6.75
C GLU A 111 13.05 2.87 5.41
N ARG A 112 13.65 3.74 4.59
CA ARG A 112 14.13 3.36 3.25
C ARG A 112 15.10 2.17 3.16
N ASP A 113 16.30 2.28 3.75
CA ASP A 113 17.29 1.20 3.64
C ASP A 113 16.77 -0.17 4.08
N TRP A 114 16.16 -0.24 5.26
CA TRP A 114 15.60 -1.50 5.77
C TRP A 114 14.52 -2.05 4.89
N ALA A 115 13.62 -1.21 4.39
CA ALA A 115 12.57 -1.71 3.49
C ALA A 115 13.20 -2.37 2.24
N GLU A 116 14.19 -1.71 1.65
CA GLU A 116 14.83 -2.26 0.44
C GLU A 116 15.60 -3.56 0.64
N SER A 117 16.29 -3.69 1.77
N SER A 117 16.28 -3.67 1.78
CA SER A 117 17.05 -4.91 2.03
CA SER A 117 17.07 -4.83 2.12
C SER A 117 16.22 -6.04 2.63
C SER A 117 16.29 -6.00 2.70
N THR A 118 15.21 -5.69 3.43
CA THR A 118 14.41 -6.72 4.15
C THR A 118 12.98 -6.98 3.68
N LEU A 119 12.25 -5.93 3.30
CA LEU A 119 10.87 -6.15 2.83
C LEU A 119 10.81 -6.53 1.35
N MET A 120 11.52 -5.77 0.52
CA MET A 120 11.47 -6.02 -0.92
C MET A 120 12.27 -7.23 -1.37
N THR A 121 12.94 -7.88 -0.44
CA THR A 121 13.65 -9.12 -0.72
C THR A 121 12.86 -10.33 -0.24
N GLN A 122 11.67 -10.08 0.32
CA GLN A 122 10.78 -11.17 0.77
C GLN A 122 10.27 -11.85 -0.52
N LYS A 123 9.70 -13.05 -0.37
CA LYS A 123 9.11 -13.72 -1.52
C LYS A 123 7.91 -12.96 -2.11
N THR A 124 7.00 -12.47 -1.24
CA THR A 124 5.76 -11.83 -1.73
C THR A 124 5.29 -10.57 -0.99
N GLY A 125 4.35 -9.86 -1.62
CA GLY A 125 3.62 -8.76 -1.02
C GLY A 125 2.12 -9.04 -1.20
N ILE A 126 1.28 -8.17 -0.63
CA ILE A 126 -0.18 -8.28 -0.73
C ILE A 126 -0.81 -7.03 -1.38
N VAL A 127 -1.61 -7.24 -2.44
CA VAL A 127 -2.31 -6.15 -3.14
C VAL A 127 -3.80 -6.32 -2.85
N SER A 128 -4.54 -5.22 -2.74
CA SER A 128 -5.97 -5.31 -2.44
C SER A 128 -6.78 -4.23 -3.14
N GLY A 129 -8.10 -4.42 -3.25
CA GLY A 129 -8.99 -3.43 -3.91
C GLY A 129 -10.37 -3.92 -4.35
N PHE A 130 -11.20 -2.97 -4.82
CA PHE A 130 -12.57 -3.21 -5.31
C PHE A 130 -12.65 -3.24 -6.83
N GLY A 131 -11.51 -3.37 -7.50
CA GLY A 131 -11.45 -3.38 -8.97
C GLY A 131 -12.02 -4.64 -9.60
N ARG A 132 -11.93 -4.70 -10.94
CA ARG A 132 -12.46 -5.83 -11.72
C ARG A 132 -11.91 -7.19 -11.36
N THR A 133 -12.74 -8.23 -11.47
CA THR A 133 -12.32 -9.61 -11.19
C THR A 133 -11.84 -10.35 -12.44
N HIS A 134 -11.99 -9.69 -13.59
CA HIS A 134 -11.54 -10.18 -14.90
C HIS A 134 -11.29 -8.96 -15.73
N GLU A 135 -10.40 -9.05 -16.72
CA GLU A 135 -10.07 -7.88 -17.56
C GLU A 135 -11.30 -7.15 -18.15
N LYS A 136 -12.29 -7.91 -18.63
CA LYS A 136 -13.48 -7.29 -19.26
C LYS A 136 -14.73 -7.13 -18.39
N GLY A 137 -14.69 -7.60 -17.14
CA GLY A 137 -15.86 -7.57 -16.24
C GLY A 137 -16.19 -6.24 -15.56
N ARG A 138 -17.08 -6.31 -14.58
CA ARG A 138 -17.49 -5.13 -13.81
C ARG A 138 -16.71 -5.09 -12.50
N GLN A 139 -16.73 -3.96 -11.80
CA GLN A 139 -16.03 -3.85 -10.53
C GLN A 139 -16.60 -4.76 -9.45
N SER A 140 -15.74 -5.21 -8.54
CA SER A 140 -16.13 -6.12 -7.48
C SER A 140 -16.91 -5.40 -6.37
N THR A 141 -18.02 -5.99 -5.93
CA THR A 141 -18.77 -5.39 -4.81
C THR A 141 -18.12 -5.78 -3.47
N ARG A 142 -17.21 -6.75 -3.50
CA ARG A 142 -16.49 -7.22 -2.30
C ARG A 142 -15.02 -6.80 -2.32
N LEU A 143 -14.50 -6.39 -1.18
CA LEU A 143 -13.07 -6.07 -1.08
C LEU A 143 -12.27 -7.37 -1.18
N LYS A 144 -11.29 -7.40 -2.09
CA LYS A 144 -10.45 -8.59 -2.28
C LYS A 144 -8.96 -8.32 -2.04
N MET A 145 -8.23 -9.38 -1.70
CA MET A 145 -6.77 -9.34 -1.51
C MET A 145 -6.10 -10.48 -2.32
N LEU A 146 -4.81 -10.31 -2.60
CA LEU A 146 -4.03 -11.27 -3.39
C LEU A 146 -2.54 -11.20 -3.09
N GLU A 147 -1.94 -12.36 -2.83
CA GLU A 147 -0.50 -12.47 -2.60
C GLU A 147 0.20 -12.47 -3.95
N VAL A 148 1.17 -11.58 -4.12
CA VAL A 148 1.89 -11.43 -5.40
C VAL A 148 3.40 -11.50 -5.24
N PRO A 149 4.04 -12.47 -5.93
CA PRO A 149 5.52 -12.55 -5.85
C PRO A 149 6.23 -11.28 -6.36
N TYR A 150 7.32 -10.90 -5.71
CA TYR A 150 8.16 -9.83 -6.25
C TYR A 150 8.81 -10.43 -7.51
N VAL A 151 8.95 -9.62 -8.55
CA VAL A 151 9.51 -10.08 -9.82
C VAL A 151 10.85 -9.42 -10.10
N ASP A 152 11.87 -10.25 -10.39
CA ASP A 152 13.21 -9.80 -10.76
C ASP A 152 13.12 -8.59 -11.71
N ARG A 153 13.93 -7.56 -11.45
CA ARG A 153 13.91 -6.32 -12.23
C ARG A 153 14.25 -6.49 -13.73
N ASN A 154 15.26 -7.31 -14.01
CA ASN A 154 15.66 -7.60 -15.38
C ASN A 154 14.54 -8.31 -16.17
N SER A 155 13.95 -9.36 -15.59
CA SER A 155 12.84 -10.09 -16.22
C SER A 155 11.68 -9.15 -16.54
N CYS A 156 11.35 -8.26 -15.60
CA CYS A 156 10.26 -7.33 -15.84
C CYS A 156 10.57 -6.40 -17.01
N LYS A 157 11.80 -5.86 -17.05
CA LYS A 157 12.25 -5.01 -18.14
C LYS A 157 12.09 -5.69 -19.50
N LEU A 158 12.54 -6.94 -19.60
CA LEU A 158 12.44 -7.72 -20.84
C LEU A 158 11.00 -7.95 -21.31
N SER A 159 10.08 -8.11 -20.36
CA SER A 159 8.68 -8.38 -20.64
C SER A 159 7.83 -7.17 -21.03
N SER A 160 8.27 -5.98 -20.65
CA SER A 160 7.47 -4.77 -20.84
C SER A 160 7.65 -4.08 -22.18
N SER A 161 6.55 -3.50 -22.67
CA SER A 161 6.51 -2.74 -23.92
C SER A 161 6.65 -1.25 -23.61
N PHE A 162 6.66 -0.89 -22.34
CA PHE A 162 6.83 0.49 -21.90
C PHE A 162 7.98 0.53 -20.90
N ILE A 163 8.67 1.66 -20.85
CA ILE A 163 9.83 1.80 -19.97
C ILE A 163 9.49 1.61 -18.47
N ILE A 164 10.27 0.75 -17.81
CA ILE A 164 10.14 0.54 -16.37
C ILE A 164 11.21 1.42 -15.71
N THR A 165 10.81 2.56 -15.12
CA THR A 165 11.75 3.49 -14.45
C THR A 165 12.15 3.02 -13.05
N GLN A 166 13.11 3.74 -12.44
CA GLN A 166 13.56 3.39 -11.09
C GLN A 166 12.54 3.71 -10.01
N ASN A 167 11.48 4.40 -10.40
CA ASN A 167 10.40 4.75 -9.47
C ASN A 167 9.27 3.69 -9.48
N MET A 168 9.53 2.57 -10.17
CA MET A 168 8.56 1.49 -10.34
C MET A 168 9.16 0.13 -10.00
N PHE A 169 8.30 -0.83 -9.66
CA PHE A 169 8.71 -2.23 -9.47
C PHE A 169 7.60 -3.16 -9.99
N CYS A 170 7.95 -4.43 -10.19
CA CYS A 170 7.01 -5.39 -10.73
C CYS A 170 6.69 -6.51 -9.77
N ALA A 171 5.44 -6.96 -9.82
CA ALA A 171 4.96 -8.04 -8.98
C ALA A 171 3.83 -8.82 -9.68
N GLY A 172 3.70 -10.10 -9.36
CA GLY A 172 2.64 -10.93 -9.93
C GLY A 172 3.12 -12.24 -10.52
N TYR A 173 2.47 -12.65 -11.61
CA TYR A 173 2.74 -13.94 -12.27
C TYR A 173 2.91 -13.85 -13.78
N ASP A 174 3.79 -14.70 -14.29
CA ASP A 174 4.07 -14.79 -15.73
C ASP A 174 2.76 -15.17 -16.45
N THR A 175 2.29 -16.39 -16.18
CA THR A 175 1.10 -16.96 -16.81
C THR A 175 -0.11 -17.19 -15.89
N LYS A 176 0.13 -17.49 -14.60
CA LYS A 176 -0.98 -17.73 -13.66
C LYS A 176 -1.99 -16.58 -13.65
N GLN A 177 -3.28 -16.92 -13.62
CA GLN A 177 -4.38 -15.95 -13.72
C GLN A 177 -4.74 -15.18 -12.42
N GLU A 178 -3.79 -14.36 -11.97
CA GLU A 178 -3.94 -13.54 -10.75
C GLU A 178 -3.17 -12.23 -10.94
N ASP A 179 -3.85 -11.09 -10.70
CA ASP A 179 -3.26 -9.77 -10.90
C ASP A 179 -4.21 -8.71 -10.32
N ALA A 180 -3.73 -7.47 -10.25
CA ALA A 180 -4.58 -6.33 -9.94
C ALA A 180 -5.25 -6.02 -11.27
N CYS A 181 -6.21 -5.10 -11.29
CA CYS A 181 -6.94 -4.78 -12.53
C CYS A 181 -7.52 -3.37 -12.48
N GLN A 182 -8.40 -3.04 -13.43
CA GLN A 182 -9.02 -1.70 -13.47
C GLN A 182 -9.83 -1.39 -12.21
N GLY A 183 -9.61 -0.20 -11.63
CA GLY A 183 -10.32 0.21 -10.40
C GLY A 183 -9.49 0.01 -9.14
N ASP A 184 -8.46 -0.83 -9.22
CA ASP A 184 -7.56 -1.10 -8.10
C ASP A 184 -6.47 -0.03 -7.95
N SER A 185 -6.24 0.73 -9.02
CA SER A 185 -5.24 1.81 -9.06
C SER A 185 -5.29 2.70 -7.82
N GLY A 186 -4.11 3.11 -7.31
CA GLY A 186 -4.05 3.95 -6.12
C GLY A 186 -4.07 3.19 -4.79
N GLY A 187 -4.47 1.93 -4.84
CA GLY A 187 -4.58 1.09 -3.64
C GLY A 187 -3.29 0.58 -3.04
N PRO A 188 -3.40 -0.15 -1.91
CA PRO A 188 -2.21 -0.66 -1.21
C PRO A 188 -1.51 -1.92 -1.78
N HIS A 189 -0.18 -1.88 -1.70
CA HIS A 189 0.71 -3.03 -1.86
C HIS A 189 1.46 -2.96 -0.56
N VAL A 190 1.30 -4.01 0.27
CA VAL A 190 1.94 -4.08 1.59
C VAL A 190 2.76 -5.38 1.73
N THR A 191 3.78 -5.32 2.58
CA THR A 191 4.63 -6.48 2.85
C THR A 191 4.60 -6.78 4.34
N ARG A 192 4.33 -8.05 4.65
CA ARG A 192 4.25 -8.56 6.03
C ARG A 192 5.64 -8.91 6.57
N PHE A 193 5.93 -8.43 7.78
CA PHE A 193 7.16 -8.78 8.52
C PHE A 193 6.77 -9.01 9.99
N LYS A 194 6.90 -10.26 10.47
CA LYS A 194 6.49 -10.63 11.85
C LYS A 194 5.10 -10.13 12.26
N ASP A 195 4.09 -10.47 11.48
CA ASP A 195 2.69 -10.05 11.76
C ASP A 195 2.42 -8.53 11.74
N THR A 196 3.32 -7.76 11.13
CA THR A 196 3.14 -6.32 10.96
C THR A 196 3.27 -5.97 9.46
N TYR A 197 2.28 -5.26 8.94
CA TYR A 197 2.21 -4.90 7.51
C TYR A 197 2.72 -3.47 7.22
N PHE A 198 3.70 -3.36 6.32
CA PHE A 198 4.31 -2.08 5.91
C PHE A 198 3.95 -1.73 4.45
N VAL A 199 3.65 -0.46 4.16
N VAL A 199 3.63 -0.46 4.16
CA VAL A 199 3.34 -0.07 2.79
CA VAL A 199 3.33 -0.06 2.78
C VAL A 199 4.62 -0.12 1.96
C VAL A 199 4.59 -0.06 1.92
N THR A 200 4.56 -0.85 0.85
CA THR A 200 5.70 -1.01 -0.06
C THR A 200 5.42 -0.55 -1.48
N GLY A 201 4.15 -0.37 -1.85
CA GLY A 201 3.84 0.06 -3.21
C GLY A 201 2.46 0.65 -3.36
N ILE A 202 2.23 1.25 -4.53
CA ILE A 202 0.93 1.81 -4.93
C ILE A 202 0.54 1.15 -6.27
N VAL A 203 -0.66 0.57 -6.36
CA VAL A 203 -1.16 -0.01 -7.62
C VAL A 203 -1.11 1.09 -8.72
N SER A 204 -0.40 0.82 -9.82
CA SER A 204 -0.18 1.86 -10.84
C SER A 204 -0.72 1.50 -12.24
N TRP A 205 -0.12 0.50 -12.90
CA TRP A 205 -0.56 0.11 -14.26
C TRP A 205 -0.16 -1.30 -14.66
N GLY A 206 -0.73 -1.75 -15.77
CA GLY A 206 -0.42 -3.07 -16.34
C GLY A 206 -0.92 -3.12 -17.78
N GLU A 207 -0.26 -3.89 -18.64
CA GLU A 207 -0.74 -4.06 -20.03
C GLU A 207 -1.93 -5.05 -19.95
N GLY A 208 -3.11 -4.52 -19.64
CA GLY A 208 -4.29 -5.35 -19.39
C GLY A 208 -4.21 -5.99 -18.00
N CYS A 209 -4.99 -7.05 -17.76
CA CYS A 209 -4.98 -7.72 -16.46
C CYS A 209 -4.66 -9.22 -16.56
N ALA A 210 -3.64 -9.66 -15.81
CA ALA A 210 -3.21 -11.08 -15.74
C ALA A 210 -2.84 -11.76 -17.08
N ARG A 211 -2.32 -10.97 -18.02
CA ARG A 211 -1.89 -11.50 -19.31
C ARG A 211 -0.62 -12.37 -19.19
N LYS A 212 -0.48 -13.28 -20.17
CA LYS A 212 0.68 -14.16 -20.26
C LYS A 212 1.91 -13.34 -20.64
N GLY A 213 3.01 -13.58 -19.94
CA GLY A 213 4.25 -12.84 -20.17
C GLY A 213 4.23 -11.41 -19.66
N LYS A 214 3.16 -11.03 -18.96
CA LYS A 214 3.00 -9.67 -18.42
C LYS A 214 2.81 -9.66 -16.89
N TYR A 215 3.32 -8.60 -16.23
CA TYR A 215 3.28 -8.45 -14.77
C TYR A 215 2.55 -7.18 -14.32
N GLY A 216 2.35 -7.00 -13.01
CA GLY A 216 1.73 -5.76 -12.51
C GLY A 216 2.83 -4.73 -12.19
N ILE A 217 2.57 -3.45 -12.51
CA ILE A 217 3.53 -2.36 -12.24
C ILE A 217 3.06 -1.46 -11.07
N TYR A 218 3.92 -1.32 -10.08
CA TYR A 218 3.62 -0.59 -8.85
C TYR A 218 4.57 0.56 -8.62
N THR A 219 4.09 1.67 -8.04
CA THR A 219 4.97 2.80 -7.68
C THR A 219 5.82 2.32 -6.49
N LYS A 220 7.13 2.56 -6.54
CA LYS A 220 8.03 2.13 -5.47
CA LYS A 220 8.04 2.14 -5.48
C LYS A 220 8.02 3.15 -4.33
N VAL A 221 7.32 2.79 -3.25
CA VAL A 221 7.19 3.67 -2.09
C VAL A 221 8.52 4.12 -1.48
N THR A 222 9.52 3.24 -1.42
CA THR A 222 10.84 3.59 -0.85
C THR A 222 11.51 4.80 -1.52
N ALA A 223 11.27 4.99 -2.82
CA ALA A 223 11.83 6.13 -3.54
C ALA A 223 11.22 7.47 -3.11
N PHE A 224 10.06 7.40 -2.44
CA PHE A 224 9.30 8.59 -2.07
C PHE A 224 9.05 8.80 -0.58
N LEU A 225 9.82 8.12 0.27
CA LEU A 225 9.62 8.23 1.72
C LEU A 225 9.85 9.62 2.29
N LYS A 226 10.87 10.32 1.80
CA LYS A 226 11.12 11.71 2.23
C LYS A 226 10.02 12.63 1.73
N TRP A 227 9.62 12.47 0.46
CA TRP A 227 8.54 13.25 -0.15
C TRP A 227 7.24 13.07 0.62
N ILE A 228 6.91 11.82 0.97
CA ILE A 228 5.71 11.51 1.78
C ILE A 228 5.77 12.22 3.14
N ASP A 229 6.88 12.09 3.85
CA ASP A 229 7.06 12.74 5.15
C ASP A 229 6.86 14.25 5.08
N ARG A 230 7.42 14.86 4.04
CA ARG A 230 7.29 16.28 3.80
C ARG A 230 5.84 16.67 3.47
N SER A 231 5.15 15.83 2.68
CA SER A 231 3.75 16.07 2.35
C SER A 231 2.82 15.95 3.57
N MET A 232 3.20 15.14 4.55
CA MET A 232 2.38 14.93 5.74
C MET A 232 2.57 16.03 6.80
N LYS A 233 3.50 16.95 6.55
CA LYS A 233 3.73 18.06 7.48
C LYS A 233 3.22 19.38 6.93
N THR A 234 3.40 19.59 5.63
CA THR A 234 2.96 20.80 4.93
C THR A 234 1.66 20.55 4.17
N ARG B 81 26.74 -14.49 7.27
CA ARG B 81 25.75 -13.46 7.67
C ARG B 81 25.97 -13.07 9.11
N LYS B 82 26.10 -11.77 9.34
CA LYS B 82 26.31 -11.23 10.69
C LYS B 82 25.39 -10.03 10.90
N LEU B 83 25.17 -9.69 12.18
CA LEU B 83 24.38 -8.53 12.60
C LEU B 83 22.99 -8.47 11.97
N CYS B 84 22.61 -7.31 11.41
CA CYS B 84 21.31 -7.14 10.74
C CYS B 84 21.02 -8.17 9.63
N SER B 85 22.08 -8.80 9.09
CA SER B 85 21.91 -9.82 8.05
C SER B 85 21.55 -11.19 8.61
N LEU B 86 21.79 -11.40 9.91
CA LEU B 86 21.41 -12.65 10.58
C LEU B 86 20.07 -12.47 11.32
N ASP B 87 19.01 -13.03 10.74
CA ASP B 87 17.66 -12.97 11.30
C ASP B 87 17.27 -11.55 11.78
N ASN B 88 17.47 -10.54 10.92
CA ASN B 88 17.09 -9.14 11.21
C ASN B 88 17.70 -8.57 12.51
N GLY B 89 18.80 -9.18 12.96
CA GLY B 89 19.50 -8.75 14.18
C GLY B 89 18.68 -9.02 15.45
N ASP B 90 17.69 -9.92 15.34
CA ASP B 90 16.79 -10.26 16.47
C ASP B 90 15.79 -9.12 16.75
N CYS B 91 15.76 -8.10 15.88
CA CYS B 91 14.82 -6.97 16.03
C CYS B 91 13.38 -7.31 15.60
N ASP B 92 12.37 -6.70 16.24
CA ASP B 92 10.98 -6.85 15.76
C ASP B 92 10.75 -6.12 14.43
N GLN B 93 11.33 -4.92 14.31
CA GLN B 93 11.10 -4.05 13.15
C GLN B 93 12.42 -3.57 12.50
N PHE B 94 12.70 -2.26 12.51
CA PHE B 94 13.88 -1.74 11.82
C PHE B 94 15.20 -2.17 12.49
N CYS B 95 16.20 -2.48 11.68
CA CYS B 95 17.53 -2.88 12.14
C CYS B 95 18.58 -2.01 11.45
N HIS B 96 19.53 -1.49 12.24
CA HIS B 96 20.65 -0.67 11.80
C HIS B 96 21.92 -1.16 12.43
N GLU B 97 23.01 -1.10 11.69
CA GLU B 97 24.33 -1.48 12.22
C GLU B 97 25.06 -0.18 12.51
N GLU B 98 25.33 0.07 13.79
CA GLU B 98 26.03 1.27 14.23
C GLU B 98 27.34 0.91 14.92
N GLN B 99 28.44 1.24 14.26
CA GLN B 99 29.79 0.97 14.76
C GLN B 99 30.00 -0.51 15.07
N ASN B 100 29.62 -1.35 14.11
CA ASN B 100 29.77 -2.82 14.19
C ASN B 100 28.90 -3.51 15.27
N SER B 101 27.72 -2.95 15.53
CA SER B 101 26.79 -3.48 16.51
C SER B 101 25.33 -3.25 16.05
N VAL B 102 24.42 -4.14 16.44
CA VAL B 102 23.00 -4.01 16.06
C VAL B 102 22.26 -2.94 16.87
N VAL B 103 21.45 -2.14 16.18
CA VAL B 103 20.58 -1.18 16.85
C VAL B 103 19.18 -1.32 16.26
N CYS B 104 18.20 -1.62 17.11
CA CYS B 104 16.82 -1.80 16.65
C CYS B 104 16.00 -0.54 16.89
N SER B 105 14.95 -0.35 16.08
CA SER B 105 14.01 0.75 16.29
C SER B 105 12.62 0.34 15.76
N CYS B 106 11.64 1.20 15.98
CA CYS B 106 10.23 0.91 15.66
C CYS B 106 9.51 2.03 14.88
N ALA B 107 8.44 1.67 14.20
CA ALA B 107 7.60 2.63 13.47
C ALA B 107 6.90 3.60 14.44
N ARG B 108 6.45 4.72 13.91
CA ARG B 108 5.75 5.72 14.70
C ARG B 108 4.51 5.09 15.33
N GLY B 109 4.32 5.29 16.62
CA GLY B 109 3.20 4.70 17.33
C GLY B 109 3.56 3.45 18.11
N TYR B 110 4.84 3.08 18.09
CA TYR B 110 5.37 1.97 18.89
C TYR B 110 6.54 2.52 19.71
N THR B 111 6.84 1.88 20.84
CA THR B 111 8.02 2.21 21.63
C THR B 111 8.87 0.94 21.79
N LEU B 112 10.19 1.12 21.76
CA LEU B 112 11.13 0.03 21.92
C LEU B 112 11.09 -0.47 23.37
N ALA B 113 11.02 -1.80 23.54
CA ALA B 113 10.93 -2.41 24.87
C ALA B 113 12.28 -2.33 25.61
N ASP B 114 12.27 -2.68 26.89
N ASP B 114 12.27 -2.68 26.89
CA ASP B 114 13.47 -2.65 27.73
CA ASP B 114 13.48 -2.68 27.76
C ASP B 114 14.62 -3.54 27.22
C ASP B 114 14.61 -3.55 27.24
N ASN B 115 14.28 -4.59 26.47
CA ASN B 115 15.30 -5.47 25.91
C ASN B 115 15.98 -4.86 24.68
N GLY B 116 15.48 -3.70 24.25
CA GLY B 116 16.01 -2.99 23.09
C GLY B 116 15.78 -3.68 21.76
N LYS B 117 14.79 -4.57 21.69
CA LYS B 117 14.52 -5.34 20.47
C LYS B 117 13.05 -5.35 20.07
N ALA B 118 12.17 -5.59 21.04
CA ALA B 118 10.74 -5.68 20.76
C ALA B 118 10.12 -4.29 20.60
N CYS B 119 9.01 -4.22 19.86
CA CYS B 119 8.26 -3.00 19.62
C CYS B 119 6.87 -3.12 20.28
N ILE B 120 6.56 -2.15 21.14
CA ILE B 120 5.32 -2.13 21.93
C ILE B 120 4.36 -1.04 21.48
N PRO B 121 3.12 -1.43 21.09
CA PRO B 121 2.12 -0.46 20.65
C PRO B 121 1.77 0.51 21.81
N THR B 122 1.85 1.81 21.54
CA THR B 122 1.62 2.83 22.58
C THR B 122 0.14 3.07 22.89
N GLY B 123 -0.71 2.71 21.94
CA GLY B 123 -2.14 2.90 22.11
C GLY B 123 -2.96 1.96 21.27
N PRO B 124 -4.26 2.27 21.11
CA PRO B 124 -5.16 1.44 20.31
C PRO B 124 -4.92 1.66 18.81
N TYR B 125 -5.23 0.62 18.04
CA TYR B 125 -5.09 0.60 16.58
C TYR B 125 -3.70 1.03 16.06
N PRO B 126 -2.62 0.32 16.50
CA PRO B 126 -1.28 0.68 16.01
C PRO B 126 -1.18 0.32 14.52
N CYS B 127 -0.32 1.03 13.80
CA CYS B 127 -0.18 0.77 12.37
C CYS B 127 0.24 -0.67 12.07
N GLY B 128 -0.18 -1.16 10.92
CA GLY B 128 0.24 -2.47 10.44
C GLY B 128 -0.34 -3.69 11.09
N LYS B 129 -1.30 -3.53 12.00
CA LYS B 129 -1.94 -4.68 12.63
C LYS B 129 -3.38 -4.87 12.12
N GLN B 130 -3.68 -6.09 11.69
CA GLN B 130 -5.07 -6.44 11.33
C GLN B 130 -5.92 -6.24 12.58
N THR B 131 -7.15 -5.75 12.43
CA THR B 131 -8.01 -5.46 13.59
C THR B 131 -8.80 -6.69 14.08
N LEU B 132 -8.83 -6.84 15.41
CA LEU B 132 -9.49 -7.98 16.06
C LEU B 132 -10.81 -7.59 16.74
N GLU B 133 -10.99 -6.30 17.05
CA GLU B 133 -12.21 -5.76 17.66
C GLU B 133 -12.49 -4.33 17.20
#